data_7W16
#
_entry.id   7W16
#
_cell.length_a   80.405
_cell.length_b   80.405
_cell.length_c   113.775
_cell.angle_alpha   90.000
_cell.angle_beta   90.000
_cell.angle_gamma   120.000
#
_symmetry.space_group_name_H-M   'P 31 2 1'
#
loop_
_entity.id
_entity.type
_entity.pdbx_description
1 polymer 'alginate lyase'
2 branched 'beta-D-mannopyranuronic acid-(1-4)-beta-D-mannopyranuronic acid'
3 non-polymer GLYCEROL
4 water water
#
_entity_poly.entity_id   1
_entity_poly.type   'polypeptide(L)'
_entity_poly.pdbx_seq_one_letter_code
;MGSSHHHHHHSSGLVPRGSHMASMTGGQQMGRGSMANASDKAAPADYEQFQDVLKVSKLQASDPEGKSGNKSEYALNGEF
DGLVLDSFYVDKASEALVFKMPGYKNASEVRIYKNFNVGEADKYYHLGAEIKPINPRASVANTDKAKNDAITYLQVHNAG
SVSADFPDGVSGEGYIPHPLVRVVYEAERSGKNDWYWAVIKNNAVNCGSKSGNKGTEECKNAYLKLPIAPIAKEGTDKFD
IYVGGNKLIINHNDKTAINHDITYWNEKKSYFKAGVYNQFKNGESEAHFYKLTYSVESEPVIR
;
_entity_poly.pdbx_strand_id   A
#
# COMPACT_ATOMS: atom_id res chain seq x y z
N ASP A 40 16.89 -15.98 -14.04
CA ASP A 40 15.80 -15.00 -14.39
C ASP A 40 15.58 -13.98 -13.25
N LYS A 41 15.88 -14.33 -11.98
CA LYS A 41 15.54 -13.50 -10.79
C LYS A 41 16.78 -12.90 -10.14
N ALA A 42 16.80 -11.62 -9.81
CA ALA A 42 17.94 -10.95 -9.20
C ALA A 42 17.54 -10.18 -7.93
N ALA A 43 18.55 -9.72 -7.16
CA ALA A 43 18.30 -8.90 -5.97
C ALA A 43 17.92 -7.50 -6.38
N PRO A 44 16.75 -7.04 -5.92
CA PRO A 44 16.34 -5.68 -6.19
C PRO A 44 17.43 -4.65 -5.79
N ALA A 45 18.21 -4.92 -4.74
CA ALA A 45 19.24 -3.98 -4.31
C ALA A 45 20.28 -3.78 -5.42
N ASP A 46 20.30 -4.61 -6.48
CA ASP A 46 21.33 -4.47 -7.51
C ASP A 46 20.92 -3.41 -8.54
N TYR A 47 19.72 -2.84 -8.43
CA TYR A 47 19.11 -2.05 -9.55
C TYR A 47 18.95 -0.62 -9.12
N GLU A 48 19.64 0.28 -9.85
CA GLU A 48 19.79 1.70 -9.43
C GLU A 48 18.44 2.34 -9.22
N GLN A 49 17.45 2.00 -10.08
CA GLN A 49 16.15 2.67 -10.03
C GLN A 49 15.40 2.40 -8.70
N PHE A 50 15.73 1.29 -8.01
CA PHE A 50 15.08 0.97 -6.73
C PHE A 50 15.93 1.26 -5.51
N GLN A 51 17.20 1.60 -5.71
CA GLN A 51 18.12 1.69 -4.56
C GLN A 51 17.68 2.70 -3.52
N ASP A 52 17.18 3.84 -3.98
CA ASP A 52 16.85 4.94 -3.06
C ASP A 52 15.71 4.57 -2.13
N VAL A 53 14.64 4.02 -2.71
CA VAL A 53 13.50 3.63 -1.86
C VAL A 53 13.86 2.48 -0.89
N LEU A 54 14.64 1.52 -1.38
CA LEU A 54 15.05 0.38 -0.54
C LEU A 54 15.92 0.84 0.62
N LYS A 55 16.79 1.85 0.41
CA LYS A 55 17.60 2.33 1.57
C LYS A 55 16.71 2.79 2.74
N VAL A 56 15.48 3.23 2.46
CA VAL A 56 14.59 3.76 3.51
C VAL A 56 13.43 2.88 3.83
N SER A 57 13.57 1.57 3.52
CA SER A 57 12.46 0.60 3.68
C SER A 57 12.94 -0.64 4.43
N LYS A 58 11.96 -1.46 4.85
CA LYS A 58 12.23 -2.85 5.29
C LYS A 58 11.25 -3.70 4.48
N LEU A 59 11.45 -5.00 4.41
CA LEU A 59 10.49 -5.85 3.68
C LEU A 59 9.71 -6.67 4.71
N GLN A 60 8.37 -6.77 4.56
CA GLN A 60 7.59 -7.68 5.39
C GLN A 60 6.98 -8.69 4.45
N ALA A 61 7.20 -9.98 4.67
CA ALA A 61 6.72 -10.95 3.70
C ALA A 61 6.19 -12.16 4.44
N SER A 62 4.92 -12.46 4.20
CA SER A 62 4.31 -13.72 4.73
C SER A 62 5.03 -14.95 4.20
N ASP A 63 4.86 -16.08 4.89
CA ASP A 63 5.42 -17.33 4.37
C ASP A 63 4.22 -18.22 4.18
N PRO A 64 3.81 -18.41 2.92
CA PRO A 64 2.47 -19.07 2.73
C PRO A 64 2.41 -20.51 3.34
N GLU A 65 3.54 -21.22 3.31
CA GLU A 65 3.61 -22.56 3.92
C GLU A 65 4.46 -22.60 5.19
N GLY A 66 4.71 -21.45 5.82
CA GLY A 66 5.48 -21.43 7.06
C GLY A 66 4.56 -21.77 8.21
N LYS A 67 5.12 -22.24 9.33
CA LYS A 67 4.28 -22.54 10.48
C LYS A 67 4.58 -21.60 11.60
N SER A 68 5.40 -20.58 11.35
CA SER A 68 5.57 -19.59 12.43
C SER A 68 4.33 -18.74 12.73
N GLY A 69 3.44 -18.55 11.79
CA GLY A 69 2.32 -17.61 12.08
C GLY A 69 2.60 -16.10 12.32
N ASN A 70 3.82 -15.60 12.20
CA ASN A 70 4.01 -14.15 12.04
C ASN A 70 4.91 -14.00 10.80
N LYS A 71 4.62 -13.01 9.97
CA LYS A 71 5.42 -12.75 8.77
C LYS A 71 6.91 -12.67 9.07
N SER A 72 7.72 -12.99 8.08
CA SER A 72 9.14 -12.77 8.15
C SER A 72 9.39 -11.25 7.83
N GLU A 73 10.52 -10.72 8.28
CA GLU A 73 10.88 -9.30 8.00
C GLU A 73 12.34 -9.27 7.62
N TYR A 74 12.73 -8.41 6.67
CA TYR A 74 14.11 -8.42 6.15
C TYR A 74 14.56 -7.01 5.99
N ALA A 75 15.89 -6.80 5.90
CA ALA A 75 16.42 -5.46 5.65
C ALA A 75 15.85 -4.47 6.65
N LEU A 76 15.77 -4.86 7.92
CA LEU A 76 15.29 -3.93 8.95
C LEU A 76 16.22 -2.71 9.10
N ASN A 77 17.46 -2.77 8.60
CA ASN A 77 18.39 -1.65 8.62
C ASN A 77 18.41 -0.96 7.24
N GLY A 78 17.45 -1.25 6.35
CA GLY A 78 17.46 -0.59 5.05
C GLY A 78 18.52 -1.10 4.10
N GLU A 79 19.16 -2.22 4.43
CA GLU A 79 20.17 -2.79 3.54
C GLU A 79 19.64 -4.08 2.94
N PHE A 80 19.33 -4.01 1.69
CA PHE A 80 18.67 -5.12 0.90
C PHE A 80 19.64 -6.01 0.14
N ASP A 81 20.97 -5.81 0.30
CA ASP A 81 21.99 -6.67 -0.39
C ASP A 81 21.67 -8.13 -0.14
N GLY A 82 21.78 -8.93 -1.20
CA GLY A 82 21.53 -10.38 -1.04
C GLY A 82 20.09 -10.82 -0.94
N LEU A 83 19.13 -9.89 -0.85
CA LEU A 83 17.75 -10.36 -0.60
C LEU A 83 17.07 -10.69 -1.90
N VAL A 84 16.81 -11.98 -2.13
N VAL A 84 16.79 -12.00 -2.14
CA VAL A 84 15.93 -12.39 -3.21
CA VAL A 84 16.00 -12.45 -3.30
C VAL A 84 15.09 -13.49 -2.64
C VAL A 84 15.12 -13.58 -2.80
N LEU A 85 13.80 -13.41 -2.86
CA LEU A 85 12.85 -14.40 -2.35
C LEU A 85 11.86 -14.76 -3.45
N ASP A 86 11.12 -15.85 -3.28
CA ASP A 86 10.00 -16.20 -4.17
C ASP A 86 8.99 -15.03 -4.21
N SER A 87 8.94 -14.24 -3.12
CA SER A 87 7.91 -13.19 -2.97
C SER A 87 8.43 -11.76 -3.31
N PHE A 88 9.73 -11.63 -3.66
CA PHE A 88 10.35 -10.33 -3.80
C PHE A 88 11.63 -10.50 -4.61
N TYR A 89 11.65 -10.02 -5.84
CA TYR A 89 12.85 -10.17 -6.67
C TYR A 89 12.73 -9.20 -7.85
N VAL A 90 13.83 -8.96 -8.58
CA VAL A 90 13.70 -8.27 -9.83
C VAL A 90 13.77 -9.29 -10.97
N ASP A 91 12.89 -9.15 -11.95
CA ASP A 91 12.90 -10.01 -13.12
C ASP A 91 13.95 -9.43 -14.04
N LYS A 92 15.06 -10.14 -14.27
CA LYS A 92 16.19 -9.58 -15.03
C LYS A 92 15.81 -9.03 -16.40
N ALA A 93 14.96 -9.76 -17.13
CA ALA A 93 14.59 -9.33 -18.49
C ALA A 93 13.88 -7.95 -18.53
N SER A 94 12.85 -7.75 -17.71
CA SER A 94 12.10 -6.51 -17.79
C SER A 94 12.63 -5.49 -16.79
N GLU A 95 13.41 -5.92 -15.79
CA GLU A 95 13.85 -5.04 -14.64
C GLU A 95 12.71 -4.60 -13.74
N ALA A 96 11.60 -5.31 -13.84
CA ALA A 96 10.47 -5.08 -12.91
C ALA A 96 10.78 -5.60 -11.52
N LEU A 97 10.46 -4.82 -10.49
CA LEU A 97 10.52 -5.31 -9.12
C LEU A 97 9.24 -6.14 -8.88
N VAL A 98 9.34 -7.42 -8.56
CA VAL A 98 8.13 -8.30 -8.52
C VAL A 98 7.78 -8.58 -7.09
N PHE A 99 6.54 -8.32 -6.68
CA PHE A 99 6.05 -8.75 -5.39
C PHE A 99 5.07 -9.82 -5.70
N LYS A 100 5.14 -10.97 -5.00
CA LYS A 100 4.27 -12.13 -5.39
C LYS A 100 3.85 -12.87 -4.13
N MET A 101 2.55 -13.20 -3.98
CA MET A 101 2.13 -13.81 -2.71
C MET A 101 0.83 -14.65 -2.84
N PRO A 102 0.89 -15.93 -2.50
CA PRO A 102 -0.38 -16.71 -2.32
C PRO A 102 -1.01 -16.49 -0.98
N GLY A 103 -2.34 -16.58 -0.92
CA GLY A 103 -3.07 -16.87 0.33
C GLY A 103 -3.76 -15.62 0.92
N TYR A 104 -4.93 -15.84 1.52
CA TYR A 104 -5.78 -14.78 2.03
C TYR A 104 -5.08 -13.95 3.09
N LYS A 105 -5.07 -12.62 2.95
CA LYS A 105 -4.46 -11.72 3.97
C LYS A 105 -2.98 -11.85 4.08
N ASN A 106 -2.35 -12.64 3.24
CA ASN A 106 -0.88 -12.63 3.20
C ASN A 106 -0.41 -11.39 2.41
N ALA A 107 0.87 -11.02 2.60
CA ALA A 107 1.42 -9.84 1.93
C ALA A 107 2.89 -10.00 1.66
N SER A 108 3.37 -9.30 0.62
CA SER A 108 4.84 -9.08 0.41
C SER A 108 4.92 -7.59 0.14
N GLU A 109 5.50 -6.80 1.06
CA GLU A 109 5.42 -5.33 0.87
C GLU A 109 6.64 -4.69 1.48
N VAL A 110 7.09 -3.55 0.92
CA VAL A 110 8.07 -2.72 1.63
C VAL A 110 7.33 -1.76 2.52
N ARG A 111 7.95 -1.42 3.65
CA ARG A 111 7.34 -0.47 4.55
C ARG A 111 8.39 0.64 4.63
N ILE A 112 8.03 1.84 4.19
CA ILE A 112 8.97 2.99 4.16
C ILE A 112 9.07 3.51 5.62
N TYR A 113 10.33 3.75 6.06
CA TYR A 113 10.76 4.09 7.43
C TYR A 113 9.99 5.24 8.02
N LYS A 114 9.87 6.33 7.26
CA LYS A 114 9.39 7.58 7.84
C LYS A 114 7.96 7.51 8.35
N ASN A 115 7.80 7.83 9.64
CA ASN A 115 6.43 8.00 10.20
C ASN A 115 6.15 9.52 10.12
N PHE A 116 5.36 9.98 9.16
CA PHE A 116 5.29 11.42 8.90
C PHE A 116 3.99 12.01 9.40
N ASN A 117 4.02 13.31 9.61
CA ASN A 117 2.83 14.05 10.02
C ASN A 117 2.15 14.54 8.72
N VAL A 118 0.83 14.46 8.64
CA VAL A 118 0.12 14.78 7.39
C VAL A 118 -0.44 16.22 7.40
N GLY A 119 -0.24 16.97 8.48
CA GLY A 119 -0.86 18.30 8.62
C GLY A 119 0.16 19.43 8.48
N GLU A 120 1.32 19.19 7.86
CA GLU A 120 2.29 20.29 7.73
C GLU A 120 2.11 21.08 6.43
N ALA A 121 2.19 22.39 6.52
CA ALA A 121 2.05 23.23 5.33
C ALA A 121 3.35 23.06 4.54
N ASP A 122 3.27 23.11 3.22
CA ASP A 122 4.50 22.95 2.38
C ASP A 122 5.43 21.73 2.68
N LYS A 123 4.89 20.66 3.25
CA LYS A 123 5.63 19.39 3.35
C LYS A 123 4.65 18.27 2.90
N TYR A 124 4.93 17.69 1.73
CA TYR A 124 4.04 16.67 1.16
C TYR A 124 4.85 15.40 0.94
N TYR A 125 4.46 14.32 1.59
CA TYR A 125 5.20 13.03 1.46
C TYR A 125 4.63 12.29 0.29
N HIS A 126 5.50 11.78 -0.57
CA HIS A 126 5.14 11.37 -1.93
C HIS A 126 5.63 9.94 -2.20
N LEU A 127 4.71 9.07 -2.63
CA LEU A 127 5.03 7.73 -3.02
C LEU A 127 4.69 7.70 -4.49
N GLY A 128 5.67 7.40 -5.34
CA GLY A 128 5.42 7.23 -6.78
C GLY A 128 5.63 5.74 -7.17
N ALA A 129 4.75 5.21 -8.02
CA ALA A 129 4.92 3.85 -8.48
C ALA A 129 4.44 3.76 -9.89
N GLU A 130 5.12 2.96 -10.69
CA GLU A 130 4.58 2.59 -12.00
C GLU A 130 4.39 1.05 -11.98
N ILE A 131 3.14 0.57 -12.03
CA ILE A 131 2.87 -0.85 -11.81
C ILE A 131 2.11 -1.51 -12.95
N LYS A 132 2.32 -2.82 -13.08
CA LYS A 132 1.44 -3.68 -13.84
C LYS A 132 0.98 -4.82 -12.97
N PRO A 133 -0.32 -4.86 -12.64
CA PRO A 133 -0.74 -6.10 -11.93
C PRO A 133 -0.73 -7.28 -12.91
N ILE A 134 -0.34 -8.49 -12.46
CA ILE A 134 -0.19 -9.61 -13.39
C ILE A 134 -1.47 -10.44 -13.28
N ASN A 135 -2.31 -10.38 -14.34
CA ASN A 135 -3.56 -11.18 -14.45
C ASN A 135 -4.32 -11.21 -13.12
N PRO A 136 -4.67 -10.03 -12.59
CA PRO A 136 -5.28 -10.05 -11.31
C PRO A 136 -6.67 -10.74 -11.32
N ARG A 137 -7.36 -10.78 -12.47
CA ARG A 137 -8.66 -11.46 -12.47
C ARG A 137 -8.40 -12.96 -12.24
N ALA A 138 -7.34 -13.49 -12.85
CA ALA A 138 -6.96 -14.91 -12.53
C ALA A 138 -6.66 -15.15 -11.05
N SER A 139 -5.92 -14.22 -10.41
CA SER A 139 -5.68 -14.34 -8.97
C SER A 139 -6.91 -14.56 -8.14
N VAL A 140 -7.98 -13.82 -8.45
CA VAL A 140 -9.22 -13.86 -7.60
C VAL A 140 -10.29 -14.87 -8.05
N ALA A 141 -10.00 -15.57 -9.14
CA ALA A 141 -11.01 -16.43 -9.81
C ALA A 141 -11.55 -17.54 -8.94
N ASN A 142 -10.81 -17.98 -7.95
CA ASN A 142 -11.29 -19.06 -7.14
C ASN A 142 -11.62 -18.63 -5.73
N THR A 143 -11.92 -17.37 -5.54
CA THR A 143 -12.20 -16.86 -4.23
C THR A 143 -13.57 -17.33 -3.71
N ASP A 144 -13.84 -17.10 -2.43
CA ASP A 144 -15.03 -17.62 -1.80
C ASP A 144 -16.28 -16.82 -2.02
N LYS A 145 -16.15 -15.51 -2.00
CA LYS A 145 -17.30 -14.67 -2.21
C LYS A 145 -16.98 -13.39 -2.90
N ALA A 146 -18.00 -12.75 -3.45
CA ALA A 146 -17.80 -11.58 -4.28
C ALA A 146 -17.03 -10.46 -3.55
N LYS A 147 -17.27 -10.26 -2.26
CA LYS A 147 -16.54 -9.19 -1.54
C LYS A 147 -15.03 -9.44 -1.41
N ASN A 148 -14.61 -10.69 -1.38
CA ASN A 148 -13.20 -11.05 -1.26
C ASN A 148 -12.57 -11.15 -2.65
N ASP A 149 -12.57 -10.03 -3.38
CA ASP A 149 -12.08 -10.10 -4.77
C ASP A 149 -11.10 -8.95 -5.04
N ALA A 150 -10.31 -8.58 -4.01
CA ALA A 150 -9.49 -7.35 -4.08
C ALA A 150 -8.01 -7.63 -3.82
N ILE A 151 -7.11 -6.81 -4.36
CA ILE A 151 -5.67 -6.91 -4.08
C ILE A 151 -5.14 -5.51 -3.80
N THR A 152 -4.46 -5.29 -2.68
CA THR A 152 -4.01 -3.97 -2.37
C THR A 152 -2.57 -3.84 -2.86
N TYR A 153 -2.25 -2.73 -3.50
CA TYR A 153 -0.90 -2.44 -3.98
C TYR A 153 -0.10 -1.34 -3.25
N LEU A 154 -0.80 -0.37 -2.73
CA LEU A 154 -0.20 0.81 -2.09
C LEU A 154 -1.03 1.17 -0.89
N GLN A 155 -0.39 1.61 0.17
CA GLN A 155 -1.10 2.00 1.37
C GLN A 155 -0.45 3.22 2.03
N VAL A 156 -1.27 4.02 2.67
CA VAL A 156 -0.87 4.92 3.73
C VAL A 156 -1.49 4.36 5.04
N HIS A 157 -0.68 3.93 5.99
CA HIS A 157 -1.20 3.37 7.20
C HIS A 157 -0.83 4.33 8.31
N ASN A 158 -1.38 4.10 9.52
CA ASN A 158 -0.94 4.86 10.70
C ASN A 158 0.00 4.05 11.62
N ALA A 159 1.02 4.75 12.14
CA ALA A 159 1.88 4.15 13.14
C ALA A 159 1.36 4.41 14.59
N GLY A 160 0.65 5.51 14.81
CA GLY A 160 0.06 5.80 16.19
C GLY A 160 0.04 7.30 16.32
N SER A 161 -0.07 7.84 17.54
CA SER A 161 -0.30 9.30 17.73
C SER A 161 0.91 10.17 17.46
N VAL A 162 0.66 11.34 16.87
CA VAL A 162 1.66 12.39 16.79
C VAL A 162 2.16 12.71 18.22
N SER A 163 1.30 12.58 19.24
CA SER A 163 1.61 12.79 20.67
C SER A 163 2.66 11.87 21.28
N ALA A 164 2.81 10.68 20.70
CA ALA A 164 3.59 9.61 21.29
C ALA A 164 5.04 9.62 20.74
N ASP A 165 6.00 9.27 21.60
CA ASP A 165 7.45 9.40 21.33
C ASP A 165 7.88 7.96 21.06
N PHE A 166 7.83 7.51 19.81
CA PHE A 166 8.38 6.21 19.39
C PHE A 166 9.07 6.46 18.06
N PRO A 167 10.12 5.69 17.72
CA PRO A 167 10.94 6.08 16.54
C PRO A 167 10.34 5.73 15.18
N ASP A 168 10.94 6.27 14.12
CA ASP A 168 10.55 5.89 12.74
C ASP A 168 10.64 4.40 12.55
N GLY A 169 9.90 3.87 11.59
CA GLY A 169 10.05 2.46 11.25
C GLY A 169 9.22 1.55 12.12
N VAL A 170 8.64 2.01 13.24
CA VAL A 170 7.84 1.10 14.08
C VAL A 170 6.50 1.75 14.39
N SER A 171 5.57 1.04 15.03
CA SER A 171 4.28 1.57 15.44
C SER A 171 4.23 1.63 16.96
N GLY A 172 3.20 2.26 17.53
CA GLY A 172 3.24 2.57 18.97
C GLY A 172 1.87 3.06 19.44
N GLU A 173 1.87 3.74 20.57
CA GLU A 173 0.64 4.13 21.22
C GLU A 173 -0.25 4.99 20.27
N GLY A 174 -1.56 4.74 20.28
CA GLY A 174 -2.48 5.56 19.44
C GLY A 174 -2.81 4.89 18.13
N TYR A 175 -2.13 3.80 17.82
CA TYR A 175 -2.37 3.03 16.58
C TYR A 175 -3.83 2.61 16.49
N ILE A 176 -4.44 2.69 15.31
CA ILE A 176 -5.79 2.09 15.11
C ILE A 176 -5.68 1.18 13.89
N PRO A 177 -6.44 0.07 13.90
CA PRO A 177 -6.06 -1.00 12.98
C PRO A 177 -6.65 -0.82 11.56
N HIS A 178 -6.53 0.37 10.99
CA HIS A 178 -7.16 0.69 9.69
C HIS A 178 -6.17 1.60 9.01
N PRO A 179 -5.86 1.35 7.72
CA PRO A 179 -5.00 2.33 7.05
C PRO A 179 -5.83 3.58 6.61
N LEU A 180 -5.18 4.73 6.42
CA LEU A 180 -5.89 5.88 5.85
C LEU A 180 -6.38 5.53 4.44
N VAL A 181 -5.53 4.89 3.61
CA VAL A 181 -6.03 4.62 2.23
C VAL A 181 -5.33 3.37 1.78
N ARG A 182 -6.05 2.55 1.00
CA ARG A 182 -5.44 1.45 0.21
C ARG A 182 -5.82 1.71 -1.23
N VAL A 183 -4.88 1.59 -2.17
CA VAL A 183 -5.21 1.60 -3.60
C VAL A 183 -5.27 0.11 -3.94
N VAL A 184 -6.42 -0.34 -4.45
CA VAL A 184 -6.69 -1.79 -4.61
C VAL A 184 -7.12 -2.04 -6.04
N TYR A 185 -6.87 -3.23 -6.54
CA TYR A 185 -7.64 -3.76 -7.68
C TYR A 185 -8.89 -4.43 -7.08
N GLU A 186 -10.03 -4.23 -7.73
CA GLU A 186 -11.21 -4.99 -7.38
C GLU A 186 -11.78 -5.67 -8.67
N ALA A 187 -12.04 -6.96 -8.65
CA ALA A 187 -12.62 -7.63 -9.89
C ALA A 187 -13.97 -7.01 -10.31
N GLU A 188 -14.89 -6.86 -9.38
CA GLU A 188 -16.14 -6.24 -9.68
C GLU A 188 -16.74 -5.50 -8.49
N ARG A 189 -17.10 -4.27 -8.75
CA ARG A 189 -17.77 -3.44 -7.79
C ARG A 189 -18.63 -2.42 -8.54
N SER A 190 -19.90 -2.42 -8.20
CA SER A 190 -20.82 -1.46 -8.71
C SER A 190 -20.90 -1.44 -10.22
N GLY A 191 -20.81 -2.61 -10.83
CA GLY A 191 -20.90 -2.68 -12.28
C GLY A 191 -19.56 -2.37 -12.96
N LYS A 192 -18.54 -2.01 -12.19
CA LYS A 192 -17.26 -1.70 -12.81
C LYS A 192 -16.38 -2.94 -12.67
N ASN A 193 -15.86 -3.44 -13.80
CA ASN A 193 -15.04 -4.68 -13.81
C ASN A 193 -13.57 -4.29 -13.97
N ASP A 194 -12.69 -4.79 -13.09
CA ASP A 194 -11.22 -4.65 -13.22
C ASP A 194 -10.80 -3.21 -13.15
N TRP A 195 -11.27 -2.53 -12.12
CA TRP A 195 -10.87 -1.13 -11.87
C TRP A 195 -9.98 -1.07 -10.62
N TYR A 196 -9.16 -0.02 -10.52
CA TYR A 196 -8.55 0.35 -9.26
C TYR A 196 -9.49 1.22 -8.46
N TRP A 197 -9.53 1.05 -7.14
CA TRP A 197 -10.34 1.87 -6.24
C TRP A 197 -9.44 2.44 -5.14
N ALA A 198 -9.78 3.60 -4.57
CA ALA A 198 -9.12 4.07 -3.33
C ALA A 198 -10.10 3.72 -2.21
N VAL A 199 -9.66 2.96 -1.20
CA VAL A 199 -10.51 2.69 -0.04
C VAL A 199 -9.98 3.62 1.04
N ILE A 200 -10.77 4.64 1.36
N ILE A 200 -10.74 4.66 1.38
CA ILE A 200 -10.37 5.69 2.29
CA ILE A 200 -10.23 5.73 2.26
C ILE A 200 -11.09 5.48 3.60
C ILE A 200 -11.04 5.75 3.56
N LYS A 201 -10.33 5.53 4.67
CA LYS A 201 -10.87 5.58 6.03
C LYS A 201 -11.18 7.08 6.25
N ASN A 202 -12.47 7.38 6.49
CA ASN A 202 -12.91 8.76 6.48
C ASN A 202 -13.12 9.32 7.91
N ASN A 203 -12.55 8.69 8.94
CA ASN A 203 -12.58 9.25 10.32
C ASN A 203 -11.35 8.63 11.02
N ALA A 204 -11.07 9.01 12.27
CA ALA A 204 -9.93 8.42 12.99
C ALA A 204 -10.41 7.48 14.08
N VAL A 205 -11.59 6.88 13.93
CA VAL A 205 -12.18 6.03 14.99
C VAL A 205 -11.58 4.59 14.99
N ASN A 206 -11.24 4.05 16.19
CA ASN A 206 -10.93 2.63 16.26
C ASN A 206 -12.16 1.74 16.09
N CYS A 207 -12.24 1.04 14.97
CA CYS A 207 -13.31 0.10 14.72
C CYS A 207 -12.88 -1.36 14.67
N GLY A 208 -11.83 -1.70 15.38
CA GLY A 208 -11.42 -3.07 15.48
C GLY A 208 -12.38 -3.95 16.28
N SER A 209 -12.16 -5.25 16.21
CA SER A 209 -12.99 -6.21 16.88
C SER A 209 -13.00 -6.08 18.41
N LYS A 210 -12.01 -5.43 18.99
CA LYS A 210 -11.98 -5.18 20.43
C LYS A 210 -12.15 -3.72 20.81
N SER A 211 -12.72 -2.93 19.92
CA SER A 211 -12.92 -1.52 20.15
C SER A 211 -14.17 -1.14 20.92
N GLY A 212 -15.20 -1.97 20.86
CA GLY A 212 -16.49 -1.67 21.44
C GLY A 212 -17.30 -0.66 20.62
N ASN A 213 -16.83 -0.45 19.39
CA ASN A 213 -17.34 0.58 18.51
C ASN A 213 -18.02 0.11 17.24
N LYS A 214 -17.98 -1.18 16.97
CA LYS A 214 -18.43 -1.67 15.70
C LYS A 214 -19.89 -1.47 15.37
N GLY A 215 -20.69 -1.21 16.38
CA GLY A 215 -22.08 -0.98 16.15
C GLY A 215 -22.41 0.46 15.85
N THR A 216 -21.46 1.34 15.99
CA THR A 216 -21.72 2.75 15.91
C THR A 216 -21.82 3.29 14.48
N GLU A 217 -22.41 4.46 14.33
CA GLU A 217 -22.52 5.09 13.03
C GLU A 217 -21.16 5.35 12.39
N GLU A 218 -20.24 5.92 13.15
CA GLU A 218 -18.89 6.16 12.70
C GLU A 218 -18.23 4.93 12.09
N CYS A 219 -18.50 3.76 12.65
CA CYS A 219 -17.86 2.56 12.16
C CYS A 219 -18.60 2.00 10.99
N LYS A 220 -19.90 2.11 11.02
CA LYS A 220 -20.70 1.58 9.86
C LYS A 220 -20.47 2.38 8.61
N ASN A 221 -20.18 3.67 8.79
CA ASN A 221 -19.98 4.56 7.66
C ASN A 221 -18.57 5.09 7.57
N ALA A 222 -17.59 4.27 7.86
CA ALA A 222 -16.23 4.74 8.07
C ALA A 222 -15.45 4.95 6.78
N TYR A 223 -15.91 4.37 5.67
CA TYR A 223 -15.06 4.36 4.44
C TYR A 223 -15.70 5.09 3.24
N LEU A 224 -14.89 5.71 2.42
CA LEU A 224 -15.31 6.09 1.06
C LEU A 224 -14.56 5.14 0.16
N LYS A 225 -15.28 4.40 -0.69
CA LYS A 225 -14.61 3.54 -1.69
C LYS A 225 -14.87 4.08 -3.09
N LEU A 226 -13.81 4.71 -3.64
CA LEU A 226 -14.01 5.60 -4.83
C LEU A 226 -13.20 5.06 -6.02
N PRO A 227 -13.79 5.07 -7.23
CA PRO A 227 -13.16 4.36 -8.37
C PRO A 227 -12.10 5.29 -8.97
N ILE A 228 -10.90 4.80 -9.18
CA ILE A 228 -9.82 5.63 -9.72
C ILE A 228 -9.75 5.50 -11.26
N ALA A 229 -9.57 4.30 -11.82
CA ALA A 229 -9.41 4.16 -13.27
C ALA A 229 -9.51 2.68 -13.54
N PRO A 230 -9.89 2.30 -14.75
CA PRO A 230 -9.73 0.83 -15.10
C PRO A 230 -8.25 0.44 -15.07
N ILE A 231 -7.92 -0.86 -14.84
CA ILE A 231 -6.50 -1.24 -15.00
C ILE A 231 -6.11 -1.08 -16.48
N ALA A 232 -4.83 -0.80 -16.78
CA ALA A 232 -4.43 -0.50 -18.16
C ALA A 232 -4.74 -1.73 -19.05
N LYS A 233 -5.13 -1.49 -20.27
CA LYS A 233 -5.24 -2.57 -21.22
C LYS A 233 -3.88 -3.06 -21.66
N GLU A 234 -3.00 -2.13 -21.94
CA GLU A 234 -1.62 -2.50 -21.99
C GLU A 234 -0.72 -1.50 -21.32
N GLY A 235 0.44 -1.98 -20.90
CA GLY A 235 1.39 -1.06 -20.30
C GLY A 235 1.17 -0.86 -18.82
N THR A 236 1.79 0.16 -18.23
CA THR A 236 1.77 0.20 -16.78
C THR A 236 0.70 1.29 -16.38
N ASP A 237 0.40 1.37 -15.10
CA ASP A 237 -0.45 2.38 -14.52
C ASP A 237 0.47 3.16 -13.57
N LYS A 238 0.52 4.48 -13.71
CA LYS A 238 1.43 5.29 -12.89
C LYS A 238 0.60 5.89 -11.73
N PHE A 239 1.02 5.65 -10.49
CA PHE A 239 0.37 6.27 -9.31
C PHE A 239 1.30 7.24 -8.61
N ASP A 240 0.75 8.33 -8.13
CA ASP A 240 1.49 9.21 -7.22
C ASP A 240 0.56 9.52 -6.07
N ILE A 241 1.01 9.28 -4.85
CA ILE A 241 0.25 9.61 -3.66
C ILE A 241 1.02 10.73 -2.96
N TYR A 242 0.34 11.84 -2.60
CA TYR A 242 0.96 12.93 -1.85
C TYR A 242 0.16 13.02 -0.60
N VAL A 243 0.82 13.08 0.56
CA VAL A 243 0.09 13.22 1.82
C VAL A 243 0.78 14.38 2.55
N GLY A 244 0.05 15.46 2.86
CA GLY A 244 0.64 16.61 3.67
C GLY A 244 -0.32 17.78 3.49
N GLY A 245 -0.09 18.88 4.22
CA GLY A 245 -0.97 20.04 4.09
C GLY A 245 -2.42 19.66 4.42
N ASN A 246 -2.62 18.65 5.25
CA ASN A 246 -3.99 18.12 5.53
C ASN A 246 -4.77 17.60 4.33
N LYS A 247 -4.09 17.11 3.33
CA LYS A 247 -4.69 16.58 2.12
C LYS A 247 -4.13 15.19 1.76
N LEU A 248 -4.99 14.38 1.15
CA LEU A 248 -4.57 13.16 0.54
C LEU A 248 -4.82 13.36 -0.97
N ILE A 249 -3.79 13.36 -1.80
CA ILE A 249 -3.93 13.53 -3.25
C ILE A 249 -3.47 12.21 -3.89
N ILE A 250 -4.27 11.67 -4.79
CA ILE A 250 -3.86 10.44 -5.54
C ILE A 250 -4.03 10.73 -7.02
N ASN A 251 -2.94 10.57 -7.77
CA ASN A 251 -2.94 10.77 -9.23
C ASN A 251 -2.76 9.44 -9.90
N HIS A 252 -3.42 9.27 -11.05
CA HIS A 252 -3.22 8.06 -11.81
C HIS A 252 -2.91 8.54 -13.20
N ASN A 253 -1.84 8.03 -13.79
CA ASN A 253 -1.34 8.55 -15.11
C ASN A 253 -1.28 10.07 -15.16
N ASP A 254 -0.84 10.71 -14.09
CA ASP A 254 -0.61 12.17 -14.05
C ASP A 254 -1.88 12.99 -14.01
N LYS A 255 -3.01 12.36 -13.65
CA LYS A 255 -4.31 13.10 -13.56
C LYS A 255 -4.80 12.86 -12.13
N THR A 256 -5.15 13.91 -11.40
CA THR A 256 -5.64 13.74 -10.02
C THR A 256 -6.98 13.01 -10.02
N ALA A 257 -7.08 11.95 -9.21
CA ALA A 257 -8.31 11.15 -9.11
C ALA A 257 -8.91 11.40 -7.70
N ILE A 258 -8.08 11.66 -6.68
CA ILE A 258 -8.60 11.87 -5.28
C ILE A 258 -7.92 13.16 -4.79
N ASN A 259 -8.67 14.04 -4.14
CA ASN A 259 -8.13 15.30 -3.59
C ASN A 259 -9.00 15.56 -2.37
N HIS A 260 -8.60 14.98 -1.24
CA HIS A 260 -9.51 14.80 -0.08
C HIS A 260 -8.89 15.36 1.22
N ASP A 261 -9.58 16.30 1.87
CA ASP A 261 -9.11 16.86 3.12
C ASP A 261 -9.05 15.76 4.19
N ILE A 262 -7.93 15.64 4.89
CA ILE A 262 -7.72 14.56 5.89
C ILE A 262 -7.36 15.16 7.27
N THR A 263 -7.87 16.36 7.53
CA THR A 263 -7.64 17.01 8.84
C THR A 263 -8.01 16.06 9.99
N TYR A 264 -9.07 15.28 9.81
CA TYR A 264 -9.50 14.32 10.87
C TYR A 264 -8.42 13.26 11.19
N TRP A 265 -7.41 13.11 10.33
CA TRP A 265 -6.36 12.12 10.55
C TRP A 265 -5.11 12.76 11.09
N ASN A 266 -5.09 14.07 11.22
CA ASN A 266 -3.79 14.71 11.39
C ASN A 266 -3.19 14.52 12.80
N GLU A 267 -3.88 13.83 13.73
CA GLU A 267 -3.22 13.34 14.97
C GLU A 267 -2.50 12.01 14.81
N LYS A 268 -2.55 11.40 13.60
CA LYS A 268 -1.92 10.10 13.36
C LYS A 268 -0.66 10.25 12.51
N LYS A 269 0.48 9.79 13.05
CA LYS A 269 1.74 9.61 12.26
C LYS A 269 1.43 8.49 11.29
N SER A 270 1.83 8.70 10.04
CA SER A 270 1.43 7.81 8.95
C SER A 270 2.64 7.37 8.16
N TYR A 271 2.46 6.32 7.33
CA TYR A 271 3.64 5.82 6.59
C TYR A 271 3.16 5.07 5.38
N PHE A 272 4.07 4.89 4.43
CA PHE A 272 3.71 4.20 3.18
C PHE A 272 4.05 2.70 3.18
N LYS A 273 3.26 1.90 2.46
CA LYS A 273 3.64 0.53 2.13
C LYS A 273 3.36 0.35 0.66
N ALA A 274 4.11 -0.54 0.01
CA ALA A 274 3.85 -0.88 -1.39
C ALA A 274 4.18 -2.36 -1.61
N GLY A 275 3.39 -3.05 -2.45
CA GLY A 275 3.69 -4.44 -2.87
C GLY A 275 2.39 -5.14 -3.24
N VAL A 276 2.15 -6.34 -2.70
CA VAL A 276 0.83 -6.97 -2.80
C VAL A 276 0.33 -7.34 -1.41
N TYR A 277 -0.97 -7.24 -1.18
CA TYR A 277 -1.56 -7.67 0.11
C TYR A 277 -2.93 -8.16 -0.30
N ASN A 278 -3.28 -9.41 0.03
CA ASN A 278 -4.42 -10.13 -0.63
C ASN A 278 -5.73 -10.03 0.14
N GLN A 279 -6.81 -9.52 -0.48
CA GLN A 279 -8.18 -9.64 0.08
C GLN A 279 -9.02 -10.62 -0.81
N PHE A 280 -8.47 -11.80 -1.08
CA PHE A 280 -9.14 -12.81 -1.86
C PHE A 280 -8.55 -14.14 -1.42
N LYS A 281 -9.25 -15.23 -1.70
CA LYS A 281 -8.85 -16.54 -1.20
C LYS A 281 -8.47 -17.42 -2.37
N ASN A 282 -7.65 -18.43 -2.05
CA ASN A 282 -7.34 -19.58 -2.95
C ASN A 282 -6.55 -19.21 -4.19
N GLY A 283 -5.75 -18.16 -4.12
CA GLY A 283 -4.89 -17.91 -5.26
C GLY A 283 -3.67 -17.13 -4.84
N GLU A 284 -2.97 -16.61 -5.82
CA GLU A 284 -1.71 -15.92 -5.62
C GLU A 284 -1.74 -14.64 -6.45
N SER A 285 -1.28 -13.54 -5.85
CA SER A 285 -1.28 -12.25 -6.53
C SER A 285 0.16 -11.98 -6.97
N GLU A 286 0.33 -11.08 -7.95
CA GLU A 286 1.65 -10.72 -8.45
C GLU A 286 1.52 -9.29 -9.05
N ALA A 287 2.48 -8.40 -8.74
CA ALA A 287 2.49 -7.05 -9.26
C ALA A 287 3.93 -6.76 -9.68
N HIS A 288 4.11 -6.13 -10.83
CA HIS A 288 5.44 -5.73 -11.30
C HIS A 288 5.55 -4.21 -11.15
N PHE A 289 6.53 -3.74 -10.40
CA PHE A 289 6.73 -2.33 -10.22
C PHE A 289 7.92 -1.93 -11.09
N TYR A 290 7.70 -1.18 -12.14
CA TYR A 290 8.82 -0.71 -12.96
C TYR A 290 9.50 0.50 -12.32
N LYS A 291 8.79 1.24 -11.43
CA LYS A 291 9.39 2.40 -10.73
C LYS A 291 8.75 2.34 -9.36
N LEU A 292 9.47 2.74 -8.31
CA LEU A 292 8.89 2.87 -7.01
C LEU A 292 9.81 3.88 -6.31
N THR A 293 9.28 5.02 -5.86
CA THR A 293 10.12 6.13 -5.34
C THR A 293 9.46 6.70 -4.10
N TYR A 294 10.27 7.34 -3.27
CA TYR A 294 9.73 8.01 -2.10
C TYR A 294 10.44 9.33 -2.04
N SER A 295 9.71 10.43 -1.78
CA SER A 295 10.41 11.75 -1.69
C SER A 295 9.57 12.68 -0.83
N VAL A 296 10.12 13.84 -0.48
CA VAL A 296 9.42 14.82 0.36
C VAL A 296 9.38 16.10 -0.50
N GLU A 297 8.18 16.66 -0.72
CA GLU A 297 8.01 17.70 -1.77
C GLU A 297 7.42 18.94 -1.09
N SER A 298 7.68 20.13 -1.65
CA SER A 298 7.06 21.34 -1.03
C SER A 298 5.60 21.50 -1.40
N GLU A 299 5.15 20.78 -2.41
CA GLU A 299 3.74 20.91 -2.83
C GLU A 299 3.32 19.66 -3.61
N PRO A 300 2.01 19.36 -3.68
CA PRO A 300 1.60 18.16 -4.45
C PRO A 300 1.52 18.48 -5.97
N VAL A 301 1.32 17.51 -6.82
CA VAL A 301 0.99 17.76 -8.22
C VAL A 301 -0.51 17.51 -8.31
N ILE A 302 -1.24 18.58 -8.67
CA ILE A 302 -2.69 18.53 -8.89
C ILE A 302 -2.97 18.89 -10.36
N ARG A 303 -3.61 17.98 -11.08
CA ARG A 303 -3.79 18.21 -12.53
C ARG A 303 -5.05 17.53 -12.98
#